data_6J90
#
_entry.id   6J90
#
_cell.length_a   87.112
_cell.length_b   140.545
_cell.length_c   79.105
_cell.angle_alpha   90.00
_cell.angle_beta   90.00
_cell.angle_gamma   90.00
#
_symmetry.space_group_name_H-M   'C 2 2 21'
#
loop_
_entity.id
_entity.type
_entity.pdbx_description
1 polymer 'DNA gyrase subunit B'
2 non-polymer 'CHLORIDE ION'
3 non-polymer "ADENOSINE-5'-TRIPHOSPHATE"
4 non-polymer GLYCEROL
5 non-polymer DI(HYDROXYETHYL)ETHER
6 water water
#
_entity_poly.entity_id   1
_entity_poly.type   'polypeptide(L)'
_entity_poly.pdbx_seq_one_letter_code
;MSNSYDSSSIKVLKGLDAVRKRPGMYIGDTDDGTGLHHMAFEVVDNAIDEALAGHCKDIVVTIHADNSVSVTDDGRGIPT
GIHPSEGVSAAEVIMTVLHAGGKFDDNSYKVSGGLHGVGVSVVNALSQKLELVIQRDGKIHRQIYEHGVPQAPLAVTGDT
DKTGTMVRFWPSKSTFTNVTEFEYEILAKRLRELSFLNSGVSIRLRDKRDGKEDHFHYEGGIKAFVEYLNKNKTPIHPNI
FYFSTEKDGIGVEVALQWNDGFQENIYCFTNNIPQRDGGTHLAGFRAAMTRTLNAYMDKEGYSKKAKVSATGDDAREGLI
AVVSVKVPDPKFSSQTKDKLVSSEVKSAVEQQMNELLSEYLLENPSDAKIVVGKIIDAARAREAARRAREMTRRHHHHHH
;
_entity_poly.pdbx_strand_id   A
#
# COMPACT_ATOMS: atom_id res chain seq x y z
N SER A 4 34.55 31.66 -10.72
CA SER A 4 34.26 30.20 -10.64
C SER A 4 32.80 30.04 -10.20
N TYR A 5 32.44 30.33 -8.93
CA TYR A 5 31.07 30.14 -8.38
C TYR A 5 30.24 31.43 -8.53
N ASP A 6 29.34 31.43 -9.51
CA ASP A 6 28.56 32.64 -9.87
C ASP A 6 27.22 32.20 -10.46
N SER A 7 26.45 33.15 -11.00
CA SER A 7 25.08 32.89 -11.52
C SER A 7 25.10 31.76 -12.55
N SER A 8 26.20 31.62 -13.30
CA SER A 8 26.30 30.58 -14.35
C SER A 8 26.52 29.19 -13.71
N SER A 9 26.93 29.08 -12.45
CA SER A 9 27.00 27.79 -11.72
C SER A 9 25.59 27.27 -11.41
N ILE A 10 24.55 28.07 -11.55
CA ILE A 10 23.18 27.70 -11.10
C ILE A 10 22.39 27.18 -12.29
N LYS A 11 22.07 25.88 -12.21
CA LYS A 11 21.46 25.04 -13.26
C LYS A 11 20.02 24.72 -12.83
N VAL A 12 19.06 24.90 -13.74
CA VAL A 12 17.62 24.60 -13.55
C VAL A 12 17.28 23.33 -14.34
N LEU A 13 16.88 22.25 -13.66
CA LEU A 13 16.44 21.02 -14.34
C LEU A 13 14.97 21.17 -14.68
N LYS A 14 14.63 20.97 -15.95
CA LYS A 14 13.25 21.18 -16.46
C LYS A 14 12.67 19.86 -16.97
N GLY A 15 11.34 19.81 -17.04
CA GLY A 15 10.61 18.63 -17.51
C GLY A 15 10.81 17.47 -16.56
N LEU A 16 11.32 16.35 -17.07
CA LEU A 16 11.59 15.10 -16.33
C LEU A 16 13.10 14.94 -16.10
N ASP A 17 13.92 15.92 -16.50
CA ASP A 17 15.40 15.85 -16.35
C ASP A 17 15.74 15.58 -14.87
N ALA A 18 15.00 16.20 -13.96
CA ALA A 18 15.28 16.12 -12.51
C ALA A 18 15.12 14.67 -12.07
N VAL A 19 14.12 13.98 -12.63
CA VAL A 19 13.86 12.54 -12.30
C VAL A 19 15.03 11.67 -12.78
N ARG A 20 15.54 11.89 -14.00
CA ARG A 20 16.71 11.12 -14.50
C ARG A 20 17.97 11.52 -13.72
N LYS A 21 18.13 12.79 -13.34
CA LYS A 21 19.33 13.24 -12.58
C LYS A 21 19.30 12.58 -11.19
N ARG A 22 18.16 12.56 -10.49
CA ARG A 22 18.08 12.04 -9.09
C ARG A 22 16.95 11.03 -8.92
N PRO A 23 17.05 9.85 -9.56
CA PRO A 23 16.01 8.84 -9.44
C PRO A 23 15.79 8.39 -7.99
N GLY A 24 16.81 8.50 -7.14
CA GLY A 24 16.67 8.12 -5.73
C GLY A 24 15.54 8.89 -5.05
N MET A 25 15.35 10.15 -5.43
CA MET A 25 14.34 11.05 -4.86
C MET A 25 12.93 10.61 -5.29
N TYR A 26 12.76 10.04 -6.50
CA TYR A 26 11.46 9.79 -7.16
C TYR A 26 11.09 8.29 -7.16
N ILE A 27 12.00 7.39 -7.52
CA ILE A 27 11.67 5.95 -7.63
C ILE A 27 12.38 5.13 -6.53
N GLY A 28 13.46 5.66 -5.96
CA GLY A 28 14.14 4.96 -4.85
C GLY A 28 15.42 4.27 -5.31
N ASP A 29 15.77 3.19 -4.62
CA ASP A 29 17.07 2.49 -4.83
C ASP A 29 17.11 1.91 -6.25
N THR A 30 17.99 2.43 -7.10
CA THR A 30 18.08 2.04 -8.53
C THR A 30 19.02 0.84 -8.69
N ASP A 31 19.45 0.23 -7.58
CA ASP A 31 20.52 -0.80 -7.59
C ASP A 31 20.09 -2.11 -6.96
N ASP A 32 19.22 -2.15 -5.93
CA ASP A 32 18.86 -3.42 -5.25
C ASP A 32 17.57 -4.03 -5.82
N GLY A 33 16.97 -3.43 -6.84
CA GLY A 33 15.69 -3.90 -7.42
C GLY A 33 14.45 -3.28 -6.81
N THR A 34 14.53 -2.64 -5.64
CA THR A 34 13.32 -2.08 -4.97
C THR A 34 12.73 -1.00 -5.89
N GLY A 35 13.58 -0.11 -6.42
CA GLY A 35 13.13 0.95 -7.33
C GLY A 35 12.49 0.40 -8.58
N LEU A 36 13.08 -0.66 -9.12
CA LEU A 36 12.67 -1.29 -10.40
C LEU A 36 11.23 -1.80 -10.23
N HIS A 37 10.96 -2.47 -9.11
CA HIS A 37 9.63 -3.04 -8.81
C HIS A 37 8.67 -1.90 -8.48
N HIS A 38 9.18 -0.82 -7.89
CA HIS A 38 8.37 0.37 -7.54
C HIS A 38 7.84 1.02 -8.84
N MET A 39 8.53 0.86 -9.98
CA MET A 39 8.05 1.36 -11.30
C MET A 39 6.70 0.70 -11.63
N ALA A 40 6.62 -0.62 -11.42
CA ALA A 40 5.37 -1.41 -11.58
C ALA A 40 4.34 -0.96 -10.54
N PHE A 41 4.74 -0.81 -9.27
CA PHE A 41 3.78 -0.48 -8.19
C PHE A 41 3.14 0.90 -8.43
N GLU A 42 3.87 1.86 -9.00
CA GLU A 42 3.28 3.21 -9.26
C GLU A 42 2.12 3.04 -10.23
N VAL A 43 2.31 2.22 -11.27
CA VAL A 43 1.29 2.01 -12.31
C VAL A 43 0.12 1.24 -11.70
N VAL A 44 0.38 0.17 -10.97
CA VAL A 44 -0.67 -0.61 -10.25
C VAL A 44 -1.48 0.31 -9.32
N ASP A 45 -0.79 1.13 -8.50
CA ASP A 45 -1.45 1.98 -7.45
C ASP A 45 -2.44 2.92 -8.13
N ASN A 46 -2.11 3.41 -9.32
CA ASN A 46 -2.99 4.29 -10.12
C ASN A 46 -4.27 3.55 -10.50
N ALA A 47 -4.18 2.22 -10.75
CA ALA A 47 -5.32 1.38 -11.17
C ALA A 47 -6.18 1.06 -9.94
N ILE A 48 -5.52 0.73 -8.83
CA ILE A 48 -6.16 0.54 -7.48
C ILE A 48 -6.94 1.82 -7.14
N ASP A 49 -6.43 3.01 -7.46
CA ASP A 49 -7.17 4.26 -7.12
C ASP A 49 -8.48 4.31 -7.91
N GLU A 50 -8.48 3.82 -9.15
CA GLU A 50 -9.71 3.71 -9.96
C GLU A 50 -10.68 2.78 -9.22
N ALA A 51 -10.17 1.73 -8.58
CA ALA A 51 -11.00 0.71 -7.89
C ALA A 51 -11.61 1.34 -6.63
N LEU A 52 -10.80 2.03 -5.83
CA LEU A 52 -11.24 2.77 -4.62
C LEU A 52 -12.38 3.72 -5.02
N ALA A 53 -12.32 4.29 -6.21
CA ALA A 53 -13.32 5.27 -6.70
C ALA A 53 -14.61 4.54 -7.18
N GLY A 54 -14.61 3.22 -7.22
CA GLY A 54 -15.73 2.38 -7.71
C GLY A 54 -15.74 2.13 -9.23
N HIS A 55 -14.67 2.41 -9.97
CA HIS A 55 -14.74 2.38 -11.46
C HIS A 55 -13.95 1.25 -12.10
N CYS A 56 -13.17 0.49 -11.34
CA CYS A 56 -12.34 -0.60 -11.88
C CYS A 56 -12.55 -1.84 -11.01
N LYS A 57 -12.93 -2.95 -11.65
CA LYS A 57 -13.14 -4.27 -11.00
C LYS A 57 -12.09 -5.27 -11.48
N ASP A 58 -11.25 -4.89 -12.46
CA ASP A 58 -10.38 -5.85 -13.17
C ASP A 58 -9.02 -5.25 -13.52
N ILE A 59 -7.96 -5.85 -12.99
CA ILE A 59 -6.57 -5.42 -13.24
C ILE A 59 -5.74 -6.64 -13.66
N VAL A 60 -4.96 -6.48 -14.74
CA VAL A 60 -4.01 -7.51 -15.26
C VAL A 60 -2.62 -6.87 -15.31
N VAL A 61 -1.70 -7.42 -14.53
CA VAL A 61 -0.25 -7.09 -14.52
C VAL A 61 0.48 -8.19 -15.29
N THR A 62 1.29 -7.84 -16.28
CA THR A 62 2.01 -8.80 -17.15
C THR A 62 3.50 -8.48 -17.16
N ILE A 63 4.31 -9.44 -16.73
CA ILE A 63 5.77 -9.45 -16.97
C ILE A 63 5.98 -10.04 -18.37
N HIS A 64 6.40 -9.22 -19.33
CA HIS A 64 6.68 -9.65 -20.73
C HIS A 64 8.08 -10.30 -20.80
N ALA A 65 8.31 -11.09 -21.85
CA ALA A 65 9.54 -11.89 -22.04
C ALA A 65 10.75 -11.00 -22.33
N ASP A 66 10.52 -9.71 -22.67
CA ASP A 66 11.56 -8.68 -22.92
C ASP A 66 11.80 -7.84 -21.65
N ASN A 67 11.29 -8.30 -20.52
CA ASN A 67 11.46 -7.65 -19.21
C ASN A 67 10.76 -6.29 -19.15
N SER A 68 9.80 -6.00 -20.02
CA SER A 68 8.84 -4.88 -19.82
C SER A 68 7.68 -5.33 -18.92
N VAL A 69 6.96 -4.38 -18.34
CA VAL A 69 5.75 -4.68 -17.51
C VAL A 69 4.58 -3.86 -18.05
N SER A 70 3.42 -4.49 -18.19
CA SER A 70 2.15 -3.81 -18.51
C SER A 70 1.16 -3.99 -17.36
N VAL A 71 0.31 -2.98 -17.20
CA VAL A 71 -0.80 -2.95 -16.21
C VAL A 71 -2.00 -2.46 -17.02
N THR A 72 -3.02 -3.30 -17.06
CA THR A 72 -4.32 -3.05 -17.71
C THR A 72 -5.37 -2.93 -16.60
N ASP A 73 -6.15 -1.86 -16.64
CA ASP A 73 -7.34 -1.69 -15.77
C ASP A 73 -8.55 -1.39 -16.65
N ASP A 74 -9.75 -1.69 -16.15
CA ASP A 74 -11.04 -1.35 -16.79
C ASP A 74 -11.68 -0.16 -16.04
N GLY A 75 -10.87 0.79 -15.55
CA GLY A 75 -11.38 2.00 -14.89
C GLY A 75 -11.85 3.00 -15.94
N ARG A 76 -11.84 4.30 -15.61
CA ARG A 76 -12.48 5.35 -16.45
C ARG A 76 -11.61 5.68 -17.66
N GLY A 77 -10.31 5.37 -17.61
CA GLY A 77 -9.38 5.88 -18.63
C GLY A 77 -8.75 7.20 -18.24
N ILE A 78 -7.45 7.33 -18.49
CA ILE A 78 -6.73 8.62 -18.34
C ILE A 78 -7.40 9.61 -19.29
N PRO A 79 -7.83 10.80 -18.80
CA PRO A 79 -8.46 11.80 -19.65
C PRO A 79 -7.63 12.06 -20.92
N THR A 80 -8.31 12.11 -22.06
CA THR A 80 -7.67 12.22 -23.39
C THR A 80 -7.79 13.63 -23.94
N GLY A 81 -8.75 14.41 -23.45
CA GLY A 81 -9.04 15.77 -23.96
C GLY A 81 -7.85 16.73 -23.84
N ILE A 82 -7.73 17.66 -24.78
CA ILE A 82 -6.72 18.74 -24.73
C ILE A 82 -6.82 19.49 -23.40
N HIS A 83 -5.70 19.64 -22.71
CA HIS A 83 -5.66 20.36 -21.42
C HIS A 83 -5.75 21.86 -21.70
N PRO A 84 -6.75 22.55 -21.11
CA PRO A 84 -7.06 23.92 -21.51
C PRO A 84 -5.85 24.88 -21.35
N SER A 85 -5.00 24.69 -20.34
CA SER A 85 -3.77 25.52 -20.12
C SER A 85 -2.57 24.95 -20.89
N GLU A 86 -2.30 23.64 -20.82
CA GLU A 86 -1.01 23.06 -21.27
C GLU A 86 -1.00 22.91 -22.80
N GLY A 87 -2.17 22.77 -23.44
CA GLY A 87 -2.28 22.76 -24.91
C GLY A 87 -1.99 21.42 -25.55
N VAL A 88 -1.83 20.36 -24.75
CA VAL A 88 -1.69 18.96 -25.24
C VAL A 88 -2.70 18.09 -24.49
N SER A 89 -2.84 16.84 -24.86
CA SER A 89 -3.81 15.93 -24.18
C SER A 89 -3.51 15.93 -22.68
N ALA A 90 -4.57 15.87 -21.88
CA ALA A 90 -4.47 15.66 -20.42
C ALA A 90 -3.57 14.44 -20.14
N ALA A 91 -3.64 13.39 -20.98
CA ALA A 91 -2.80 12.18 -20.82
C ALA A 91 -1.31 12.56 -20.92
N GLU A 92 -0.95 13.32 -21.94
CA GLU A 92 0.46 13.76 -22.12
C GLU A 92 0.87 14.64 -20.94
N VAL A 93 -0.04 15.46 -20.40
CA VAL A 93 0.30 16.32 -19.23
C VAL A 93 0.66 15.42 -18.05
N ILE A 94 -0.17 14.41 -17.80
CA ILE A 94 0.04 13.43 -16.72
C ILE A 94 1.40 12.73 -16.91
N MET A 95 1.77 12.45 -18.14
CA MET A 95 2.95 11.60 -18.41
C MET A 95 4.25 12.41 -18.33
N THR A 96 4.19 13.72 -18.57
CA THR A 96 5.38 14.56 -18.88
C THR A 96 5.55 15.70 -17.86
N VAL A 97 4.61 15.87 -16.92
CA VAL A 97 4.64 17.00 -15.94
C VAL A 97 4.59 16.47 -14.52
N LEU A 98 5.59 16.83 -13.70
CA LEU A 98 5.62 16.59 -12.23
C LEU A 98 4.56 17.46 -11.54
N HIS A 99 3.92 16.93 -10.49
CA HIS A 99 2.86 17.61 -9.73
C HIS A 99 1.68 17.94 -10.65
N ALA A 100 1.23 16.95 -11.43
CA ALA A 100 0.06 17.07 -12.35
C ALA A 100 -0.85 15.85 -12.16
N GLY A 101 -2.16 16.06 -11.94
CA GLY A 101 -3.10 14.95 -11.76
C GLY A 101 -4.41 15.33 -11.14
N GLY A 102 -5.25 14.33 -10.86
CA GLY A 102 -6.64 14.54 -10.42
C GLY A 102 -6.82 14.22 -8.95
N LYS A 103 -5.74 14.20 -8.16
CA LYS A 103 -5.78 13.78 -6.74
C LYS A 103 -5.27 14.91 -5.84
N PHE A 104 -5.44 16.15 -6.31
CA PHE A 104 -5.18 17.40 -5.54
C PHE A 104 -6.50 17.97 -4.94
N ASP A 105 -7.59 17.25 -5.14
CA ASP A 105 -8.96 17.56 -4.61
C ASP A 105 -9.70 16.22 -4.48
N ASP A 106 -10.96 16.25 -4.05
CA ASP A 106 -11.73 15.00 -3.79
C ASP A 106 -12.76 14.80 -4.89
N ASN A 107 -12.62 15.53 -6.01
CA ASN A 107 -13.62 15.54 -7.10
C ASN A 107 -13.58 14.26 -7.94
N SER A 108 -12.42 13.68 -8.24
CA SER A 108 -12.25 12.53 -9.17
C SER A 108 -12.06 11.23 -8.41
N TYR A 109 -11.37 11.31 -7.27
CA TYR A 109 -11.13 10.19 -6.33
C TYR A 109 -11.46 10.71 -4.93
N LYS A 110 -12.44 10.13 -4.26
CA LYS A 110 -12.86 10.57 -2.91
C LYS A 110 -11.69 10.25 -1.97
N VAL A 111 -11.07 9.11 -2.22
CA VAL A 111 -9.97 8.54 -1.41
C VAL A 111 -8.98 7.90 -2.40
N SER A 112 -7.69 8.20 -2.27
CA SER A 112 -6.64 7.74 -3.21
C SER A 112 -5.31 7.61 -2.48
N GLY A 113 -4.55 6.56 -2.78
CA GLY A 113 -3.16 6.40 -2.34
C GLY A 113 -2.29 7.43 -3.03
N GLY A 114 -2.65 7.83 -4.26
CA GLY A 114 -1.97 8.93 -4.97
C GLY A 114 -2.24 10.28 -4.32
N LEU A 115 -1.23 11.16 -4.22
CA LEU A 115 -1.47 12.55 -3.76
C LEU A 115 -0.43 13.54 -4.29
N HIS A 116 0.75 13.08 -4.72
CA HIS A 116 1.88 13.94 -5.14
C HIS A 116 1.72 14.46 -6.58
N GLY A 117 1.04 13.72 -7.46
CA GLY A 117 0.99 13.92 -8.91
C GLY A 117 2.32 13.68 -9.63
N VAL A 118 3.13 12.69 -9.22
CA VAL A 118 4.45 12.41 -9.86
C VAL A 118 4.60 10.94 -10.29
N GLY A 119 3.83 10.01 -9.71
CA GLY A 119 3.99 8.55 -9.85
C GLY A 119 4.35 8.08 -11.27
N VAL A 120 3.40 8.17 -12.20
CA VAL A 120 3.56 7.64 -13.58
C VAL A 120 4.40 8.61 -14.44
N SER A 121 4.48 9.91 -14.13
CA SER A 121 5.43 10.84 -14.79
C SER A 121 6.85 10.36 -14.48
N VAL A 122 7.07 9.77 -13.30
CA VAL A 122 8.40 9.22 -12.90
C VAL A 122 8.67 7.91 -13.66
N VAL A 123 7.66 7.03 -13.76
CA VAL A 123 7.80 5.77 -14.54
C VAL A 123 8.23 6.10 -15.96
N ASN A 124 7.51 7.03 -16.58
CA ASN A 124 7.76 7.49 -17.96
C ASN A 124 9.23 7.96 -18.06
N ALA A 125 9.66 8.84 -17.17
CA ALA A 125 10.99 9.51 -17.22
C ALA A 125 12.10 8.46 -17.25
N LEU A 126 11.92 7.39 -16.47
CA LEU A 126 12.97 6.36 -16.27
C LEU A 126 12.67 5.14 -17.13
N SER A 127 11.82 5.27 -18.15
CA SER A 127 11.50 4.18 -19.09
C SER A 127 12.04 4.56 -20.47
N GLN A 128 12.86 3.70 -21.06
CA GLN A 128 13.43 3.94 -22.41
C GLN A 128 12.27 3.88 -23.41
N LYS A 129 11.18 3.23 -23.02
CA LYS A 129 9.93 3.21 -23.81
C LYS A 129 8.73 3.03 -22.88
N LEU A 130 7.65 3.74 -23.18
CA LEU A 130 6.33 3.56 -22.55
C LEU A 130 5.28 3.61 -23.67
N GLU A 131 4.39 2.64 -23.66
CA GLU A 131 3.23 2.55 -24.56
C GLU A 131 2.00 2.82 -23.70
N LEU A 132 1.18 3.77 -24.11
CA LEU A 132 -0.07 4.12 -23.40
C LEU A 132 -1.22 3.89 -24.35
N VAL A 133 -2.21 3.13 -23.90
CA VAL A 133 -3.45 2.85 -24.67
C VAL A 133 -4.62 3.16 -23.74
N ILE A 134 -5.48 4.08 -24.17
CA ILE A 134 -6.64 4.53 -23.35
C ILE A 134 -7.94 4.20 -24.10
N GLN A 135 -8.85 3.53 -23.43
CA GLN A 135 -10.25 3.32 -23.89
C GLN A 135 -11.14 4.30 -23.13
N ARG A 136 -11.74 5.24 -23.84
CA ARG A 136 -12.54 6.31 -23.20
C ARG A 136 -13.44 6.98 -24.24
N ASP A 137 -14.66 7.33 -23.84
CA ASP A 137 -15.63 8.08 -24.68
C ASP A 137 -15.79 7.39 -26.04
N GLY A 138 -15.89 6.06 -26.06
CA GLY A 138 -16.10 5.27 -27.28
C GLY A 138 -14.88 5.16 -28.18
N LYS A 139 -13.71 5.64 -27.76
CA LYS A 139 -12.50 5.69 -28.63
C LYS A 139 -11.28 5.04 -27.96
N ILE A 140 -10.42 4.48 -28.80
CA ILE A 140 -9.11 3.90 -28.41
C ILE A 140 -8.09 4.98 -28.74
N HIS A 141 -7.31 5.38 -27.74
CA HIS A 141 -6.22 6.39 -27.86
C HIS A 141 -4.87 5.71 -27.61
N ARG A 142 -3.88 5.97 -28.46
CA ARG A 142 -2.53 5.34 -28.34
C ARG A 142 -1.45 6.43 -28.34
N GLN A 143 -0.41 6.23 -27.53
CA GLN A 143 0.76 7.15 -27.50
C GLN A 143 1.99 6.35 -27.06
N ILE A 144 3.12 6.66 -27.68
CA ILE A 144 4.43 6.04 -27.40
C ILE A 144 5.36 7.14 -26.89
N TYR A 145 6.09 6.83 -25.81
CA TYR A 145 7.14 7.69 -25.23
C TYR A 145 8.45 6.92 -25.29
N GLU A 146 9.55 7.65 -25.47
CA GLU A 146 10.92 7.13 -25.35
C GLU A 146 11.66 8.04 -24.37
N HIS A 147 12.13 7.51 -23.24
CA HIS A 147 12.82 8.34 -22.23
C HIS A 147 11.95 9.55 -21.86
N GLY A 148 10.64 9.34 -21.74
CA GLY A 148 9.68 10.39 -21.33
C GLY A 148 9.30 11.35 -22.43
N VAL A 149 9.87 11.23 -23.63
CA VAL A 149 9.53 12.16 -24.76
C VAL A 149 8.43 11.54 -25.63
N PRO A 150 7.29 12.23 -25.80
CA PRO A 150 6.22 11.70 -26.64
C PRO A 150 6.68 11.67 -28.11
N GLN A 151 6.48 10.53 -28.79
CA GLN A 151 6.91 10.37 -30.20
C GLN A 151 5.87 11.01 -31.13
N ALA A 152 4.63 11.19 -30.68
CA ALA A 152 3.57 11.90 -31.43
C ALA A 152 2.41 12.18 -30.47
N PRO A 153 1.53 13.14 -30.81
CA PRO A 153 0.37 13.43 -29.96
C PRO A 153 -0.47 12.16 -29.76
N LEU A 154 -1.11 12.07 -28.60
CA LEU A 154 -2.09 11.00 -28.31
C LEU A 154 -3.10 10.96 -29.46
N ALA A 155 -3.31 9.81 -30.11
CA ALA A 155 -4.10 9.72 -31.37
C ALA A 155 -5.19 8.66 -31.23
N VAL A 156 -6.39 8.96 -31.74
CA VAL A 156 -7.54 8.02 -31.84
C VAL A 156 -7.23 6.99 -32.93
N THR A 157 -7.29 5.70 -32.61
CA THR A 157 -6.92 4.60 -33.53
C THR A 157 -8.11 3.65 -33.79
N GLY A 158 -9.23 3.80 -33.10
CA GLY A 158 -10.32 2.79 -33.13
C GLY A 158 -11.50 3.19 -32.30
N ASP A 159 -12.62 2.50 -32.48
CA ASP A 159 -13.82 2.59 -31.62
C ASP A 159 -13.77 1.47 -30.58
N THR A 160 -14.51 1.66 -29.49
CA THR A 160 -14.63 0.69 -28.38
C THR A 160 -15.84 1.13 -27.56
N ASP A 161 -16.50 0.18 -26.92
CA ASP A 161 -17.62 0.48 -25.98
C ASP A 161 -17.08 0.27 -24.56
N LYS A 162 -15.78 0.00 -24.42
CA LYS A 162 -15.11 -0.24 -23.12
C LYS A 162 -14.40 1.03 -22.64
N THR A 163 -14.04 1.02 -21.35
CA THR A 163 -13.19 2.06 -20.71
C THR A 163 -11.99 1.37 -20.05
N GLY A 164 -10.84 2.05 -20.06
CA GLY A 164 -9.70 1.72 -19.19
C GLY A 164 -8.36 2.18 -19.74
N THR A 165 -7.29 1.77 -19.04
CA THR A 165 -5.91 2.23 -19.29
C THR A 165 -4.98 1.02 -19.34
N MET A 166 -4.09 1.03 -20.31
CA MET A 166 -2.98 0.07 -20.44
C MET A 166 -1.71 0.90 -20.49
N VAL A 167 -0.80 0.65 -19.55
CA VAL A 167 0.58 1.20 -19.59
C VAL A 167 1.52 0.00 -19.64
N ARG A 168 2.36 -0.04 -20.66
CA ARG A 168 3.52 -0.96 -20.73
C ARG A 168 4.80 -0.12 -20.79
N PHE A 169 5.76 -0.42 -19.94
CA PHE A 169 6.98 0.41 -19.83
C PHE A 169 8.20 -0.51 -19.89
N TRP A 170 9.23 -0.05 -20.60
CA TRP A 170 10.54 -0.72 -20.68
C TRP A 170 11.52 0.07 -19.82
N PRO A 171 11.89 -0.39 -18.61
CA PRO A 171 12.77 0.40 -17.74
C PRO A 171 14.10 0.74 -18.42
N SER A 172 14.58 1.99 -18.26
CA SER A 172 15.87 2.46 -18.81
C SER A 172 17.03 1.64 -18.23
N LYS A 173 17.84 1.03 -19.08
CA LYS A 173 19.05 0.29 -18.64
C LYS A 173 20.10 1.29 -18.12
N SER A 174 20.05 2.57 -18.50
CA SER A 174 20.93 3.64 -17.95
C SER A 174 20.63 3.90 -16.46
N THR A 175 19.37 3.80 -16.03
CA THR A 175 18.93 4.16 -14.65
C THR A 175 19.09 2.95 -13.72
N PHE A 176 18.52 1.79 -14.11
CA PHE A 176 18.48 0.59 -13.22
C PHE A 176 19.74 -0.27 -13.45
N THR A 177 20.36 -0.69 -12.35
CA THR A 177 21.63 -1.47 -12.32
C THR A 177 21.49 -2.66 -11.38
N ASN A 178 22.36 -3.64 -11.55
CA ASN A 178 22.48 -4.85 -10.72
C ASN A 178 21.19 -5.65 -10.90
N VAL A 179 20.18 -5.45 -10.08
CA VAL A 179 18.88 -6.18 -10.18
C VAL A 179 18.02 -5.48 -11.25
N THR A 180 18.03 -5.98 -12.48
CA THR A 180 17.38 -5.36 -13.67
C THR A 180 16.19 -6.22 -14.15
N GLU A 181 15.98 -7.42 -13.62
CA GLU A 181 14.90 -8.33 -14.06
C GLU A 181 13.76 -8.31 -13.02
N PHE A 182 12.51 -8.26 -13.46
CA PHE A 182 11.33 -8.34 -12.58
C PHE A 182 11.28 -9.73 -11.96
N GLU A 183 10.97 -9.75 -10.68
CA GLU A 183 10.85 -10.95 -9.86
C GLU A 183 9.34 -11.14 -9.67
N TYR A 184 8.86 -12.29 -10.14
CA TYR A 184 7.44 -12.72 -10.05
C TYR A 184 6.90 -12.49 -8.64
N GLU A 185 7.61 -13.02 -7.65
CA GLU A 185 7.18 -13.14 -6.22
C GLU A 185 7.08 -11.77 -5.55
N ILE A 186 7.92 -10.80 -5.96
CA ILE A 186 7.88 -9.43 -5.39
C ILE A 186 6.56 -8.79 -5.85
N LEU A 187 6.24 -8.94 -7.11
CA LEU A 187 4.98 -8.39 -7.66
C LEU A 187 3.81 -9.15 -7.04
N ALA A 188 3.90 -10.47 -6.89
CA ALA A 188 2.79 -11.31 -6.38
C ALA A 188 2.45 -10.94 -4.93
N LYS A 189 3.46 -10.70 -4.08
CA LYS A 189 3.27 -10.36 -2.63
C LYS A 189 2.34 -9.15 -2.52
N ARG A 190 2.63 -8.11 -3.30
CA ARG A 190 1.86 -6.83 -3.26
C ARG A 190 0.47 -7.00 -3.87
N LEU A 191 0.32 -7.77 -4.96
CA LEU A 191 -0.98 -7.98 -5.63
C LEU A 191 -1.87 -8.88 -4.77
N ARG A 192 -1.29 -9.85 -4.07
CA ARG A 192 -2.05 -10.67 -3.08
C ARG A 192 -2.61 -9.71 -2.04
N GLU A 193 -1.77 -8.85 -1.46
CA GLU A 193 -2.20 -8.02 -0.32
C GLU A 193 -3.30 -7.06 -0.84
N LEU A 194 -3.18 -6.58 -2.09
CA LEU A 194 -4.13 -5.62 -2.70
C LEU A 194 -5.46 -6.35 -2.92
N SER A 195 -5.42 -7.64 -3.23
CA SER A 195 -6.63 -8.47 -3.38
C SER A 195 -7.36 -8.56 -2.03
N PHE A 196 -6.65 -8.89 -0.95
CA PHE A 196 -7.16 -8.88 0.44
C PHE A 196 -7.78 -7.51 0.80
N LEU A 197 -7.16 -6.41 0.38
CA LEU A 197 -7.62 -5.03 0.71
C LEU A 197 -8.75 -4.57 -0.20
N ASN A 198 -8.99 -5.23 -1.33
CA ASN A 198 -9.95 -4.76 -2.36
C ASN A 198 -10.77 -5.96 -2.85
N SER A 199 -11.63 -6.50 -1.97
CA SER A 199 -12.63 -7.56 -2.34
C SER A 199 -13.42 -7.05 -3.56
N GLY A 200 -13.70 -7.92 -4.53
CA GLY A 200 -14.49 -7.55 -5.72
C GLY A 200 -13.61 -6.99 -6.82
N VAL A 201 -12.31 -6.81 -6.58
CA VAL A 201 -11.33 -6.45 -7.64
C VAL A 201 -10.55 -7.72 -8.00
N SER A 202 -10.72 -8.17 -9.23
CA SER A 202 -9.94 -9.29 -9.84
C SER A 202 -8.56 -8.75 -10.24
N ILE A 203 -7.50 -9.25 -9.60
CA ILE A 203 -6.09 -8.90 -9.92
C ILE A 203 -5.40 -10.14 -10.52
N ARG A 204 -4.96 -10.06 -11.78
CA ARG A 204 -4.26 -11.17 -12.46
C ARG A 204 -2.81 -10.76 -12.66
N LEU A 205 -1.89 -11.66 -12.30
CA LEU A 205 -0.43 -11.58 -12.58
C LEU A 205 -0.05 -12.66 -13.60
N ARG A 206 0.51 -12.26 -14.75
CA ARG A 206 0.93 -13.17 -15.84
C ARG A 206 2.42 -12.97 -16.11
N ASP A 207 3.17 -14.07 -16.07
CA ASP A 207 4.61 -14.11 -16.41
C ASP A 207 4.72 -14.74 -17.79
N LYS A 208 5.07 -13.95 -18.80
CA LYS A 208 5.21 -14.46 -20.18
C LYS A 208 6.60 -15.04 -20.34
N ARG A 209 7.44 -15.02 -19.33
CA ARG A 209 8.76 -15.67 -19.47
C ARG A 209 8.53 -17.17 -19.35
N ASP A 210 7.74 -17.62 -18.36
CA ASP A 210 7.60 -19.07 -18.06
C ASP A 210 6.13 -19.51 -18.04
N GLY A 211 5.17 -18.65 -18.38
CA GLY A 211 3.74 -19.01 -18.45
C GLY A 211 3.07 -19.10 -17.08
N LYS A 212 3.80 -18.88 -15.99
CA LYS A 212 3.20 -18.77 -14.62
C LYS A 212 2.10 -17.68 -14.64
N GLU A 213 0.98 -17.99 -13.97
CA GLU A 213 -0.26 -17.16 -13.86
C GLU A 213 -0.79 -17.26 -12.44
N ASP A 214 -1.38 -16.18 -11.94
CA ASP A 214 -2.13 -16.16 -10.67
C ASP A 214 -3.36 -15.30 -10.90
N HIS A 215 -4.45 -15.62 -10.24
CA HIS A 215 -5.69 -14.81 -10.23
C HIS A 215 -6.01 -14.54 -8.76
N PHE A 216 -5.80 -13.31 -8.30
CA PHE A 216 -6.06 -12.90 -6.90
C PHE A 216 -7.45 -12.28 -6.89
N HIS A 217 -8.39 -12.97 -6.25
CA HIS A 217 -9.79 -12.53 -6.05
C HIS A 217 -10.23 -13.09 -4.71
N TYR A 218 -9.43 -12.89 -3.67
CA TYR A 218 -9.65 -13.50 -2.34
C TYR A 218 -11.02 -13.11 -1.78
N GLU A 219 -11.69 -14.15 -1.30
CA GLU A 219 -12.81 -14.15 -0.34
C GLU A 219 -12.22 -13.80 1.02
N GLY A 220 -12.82 -12.81 1.70
CA GLY A 220 -12.72 -12.64 3.16
C GLY A 220 -12.08 -11.33 3.56
N GLY A 221 -11.52 -10.56 2.64
CA GLY A 221 -10.96 -9.24 2.95
C GLY A 221 -9.85 -9.37 3.98
N ILE A 222 -9.76 -8.46 4.95
CA ILE A 222 -8.57 -8.42 5.85
C ILE A 222 -8.70 -9.52 6.90
N LYS A 223 -9.88 -10.09 7.06
CA LYS A 223 -10.06 -11.27 7.94
C LYS A 223 -9.30 -12.43 7.31
N ALA A 224 -9.53 -12.68 6.03
CA ALA A 224 -8.80 -13.71 5.26
C ALA A 224 -7.32 -13.34 5.19
N PHE A 225 -6.98 -12.05 5.14
CA PHE A 225 -5.58 -11.60 5.08
C PHE A 225 -4.87 -12.12 6.34
N VAL A 226 -5.50 -11.93 7.50
CA VAL A 226 -4.87 -12.35 8.79
C VAL A 226 -4.77 -13.88 8.86
N GLU A 227 -5.79 -14.58 8.39
CA GLU A 227 -5.75 -16.06 8.29
C GLU A 227 -4.55 -16.48 7.40
N TYR A 228 -4.45 -15.88 6.22
CA TYR A 228 -3.32 -16.11 5.29
C TYR A 228 -1.99 -15.87 6.02
N LEU A 229 -1.81 -14.76 6.75
CA LEU A 229 -0.54 -14.43 7.46
C LEU A 229 -0.23 -15.41 8.61
N ASN A 230 -1.25 -15.97 9.24
CA ASN A 230 -1.08 -16.90 10.39
C ASN A 230 -1.00 -18.37 9.92
N LYS A 231 -1.18 -18.65 8.63
CA LYS A 231 -1.18 -20.04 8.08
C LYS A 231 -0.07 -20.88 8.72
N ASN A 232 1.18 -20.48 8.56
CA ASN A 232 2.35 -21.33 8.93
C ASN A 232 2.85 -20.94 10.31
N LYS A 233 2.14 -20.07 11.01
CA LYS A 233 2.30 -19.90 12.47
C LYS A 233 1.20 -20.76 13.09
N THR A 234 1.19 -20.90 14.40
CA THR A 234 0.16 -21.67 15.13
C THR A 234 -0.76 -20.66 15.79
N PRO A 235 -1.88 -20.27 15.15
CA PRO A 235 -2.87 -19.42 15.80
C PRO A 235 -3.29 -20.10 17.12
N ILE A 236 -3.40 -19.31 18.19
CA ILE A 236 -3.61 -19.87 19.56
C ILE A 236 -5.08 -19.69 19.96
N HIS A 237 -5.87 -18.95 19.19
CA HIS A 237 -7.33 -18.74 19.43
C HIS A 237 -8.04 -18.63 18.08
N PRO A 238 -9.27 -19.17 17.95
CA PRO A 238 -9.92 -19.30 16.65
C PRO A 238 -10.70 -18.08 16.15
N ASN A 239 -11.10 -17.18 17.04
CA ASN A 239 -11.93 -16.00 16.66
C ASN A 239 -11.02 -14.82 16.27
N ILE A 240 -10.78 -14.64 14.98
CA ILE A 240 -10.15 -13.41 14.45
C ILE A 240 -11.03 -12.24 14.86
N PHE A 241 -10.45 -11.30 15.62
CA PHE A 241 -11.07 -9.98 15.90
C PHE A 241 -11.13 -9.17 14.62
N TYR A 242 -12.30 -8.62 14.32
CA TYR A 242 -12.51 -7.88 13.06
C TYR A 242 -13.56 -6.77 13.23
N PHE A 243 -13.30 -5.64 12.59
CA PHE A 243 -14.31 -4.58 12.42
C PHE A 243 -13.99 -3.68 11.22
N SER A 244 -15.05 -3.06 10.73
CA SER A 244 -15.05 -2.05 9.65
C SER A 244 -16.00 -0.91 10.04
N THR A 245 -15.46 0.28 10.24
CA THR A 245 -16.25 1.48 10.62
C THR A 245 -15.89 2.64 9.71
N GLU A 246 -16.76 3.65 9.75
CA GLU A 246 -16.61 4.92 9.04
C GLU A 246 -17.22 5.98 9.94
N LYS A 247 -16.42 6.97 10.34
CA LYS A 247 -16.86 8.08 11.21
C LYS A 247 -16.06 9.33 10.87
N ASP A 248 -16.75 10.48 10.74
CA ASP A 248 -16.16 11.82 10.48
C ASP A 248 -15.25 11.72 9.27
N GLY A 249 -15.71 11.01 8.24
CA GLY A 249 -15.00 10.80 6.96
C GLY A 249 -13.75 9.94 7.05
N ILE A 250 -13.57 9.12 8.08
CA ILE A 250 -12.41 8.19 8.16
C ILE A 250 -12.86 6.73 8.24
N GLY A 251 -12.48 5.95 7.24
CA GLY A 251 -12.61 4.49 7.24
C GLY A 251 -11.58 3.86 8.15
N VAL A 252 -12.01 3.03 9.09
CA VAL A 252 -11.07 2.17 9.86
C VAL A 252 -11.51 0.72 9.73
N GLU A 253 -10.57 -0.14 9.33
CA GLU A 253 -10.76 -1.60 9.19
C GLU A 253 -9.61 -2.27 9.91
N VAL A 254 -9.90 -3.18 10.84
CA VAL A 254 -8.88 -3.90 11.64
C VAL A 254 -9.25 -5.38 11.67
N ALA A 255 -8.24 -6.23 11.58
CA ALA A 255 -8.33 -7.67 11.84
C ALA A 255 -7.06 -8.06 12.58
N LEU A 256 -7.18 -8.91 13.58
CA LEU A 256 -6.01 -9.40 14.34
C LEU A 256 -6.29 -10.77 14.93
N GLN A 257 -5.21 -11.49 15.24
CA GLN A 257 -5.26 -12.84 15.84
C GLN A 257 -3.85 -13.16 16.34
N TRP A 258 -3.75 -13.71 17.53
CA TRP A 258 -2.44 -14.09 18.13
C TRP A 258 -2.07 -15.48 17.65
N ASN A 259 -0.77 -15.71 17.52
CA ASN A 259 -0.16 -17.03 17.20
C ASN A 259 0.82 -17.37 18.33
N ASP A 260 1.46 -18.53 18.20
CA ASP A 260 2.34 -19.16 19.22
C ASP A 260 3.73 -18.53 19.20
N GLY A 261 4.05 -17.71 18.20
CA GLY A 261 5.42 -17.23 17.97
C GLY A 261 5.73 -16.04 18.83
N PHE A 262 6.91 -15.42 18.64
CA PHE A 262 7.43 -14.32 19.49
C PHE A 262 7.59 -13.04 18.64
N GLN A 263 7.07 -13.00 17.41
CA GLN A 263 7.17 -11.79 16.55
C GLN A 263 5.90 -10.96 16.75
N GLU A 264 6.03 -9.64 16.57
CA GLU A 264 4.89 -8.71 16.37
C GLU A 264 4.87 -8.29 14.90
N ASN A 265 3.73 -8.47 14.23
CA ASN A 265 3.55 -8.12 12.79
C ASN A 265 2.24 -7.38 12.59
N ILE A 266 2.30 -6.05 12.56
CA ILE A 266 1.12 -5.19 12.36
C ILE A 266 1.30 -4.48 11.02
N TYR A 267 0.54 -4.87 10.01
CA TYR A 267 0.59 -4.31 8.64
C TYR A 267 -0.40 -3.13 8.55
N CYS A 268 0.14 -1.95 8.34
CA CYS A 268 -0.63 -0.70 8.31
C CYS A 268 -0.75 -0.23 6.86
N PHE A 269 -1.89 0.34 6.51
CA PHE A 269 -2.21 0.83 5.15
C PHE A 269 -3.07 2.11 5.25
N THR A 270 -2.83 3.04 4.32
CA THR A 270 -3.63 4.27 4.12
C THR A 270 -4.04 4.30 2.65
N ASN A 271 -5.34 4.21 2.37
CA ASN A 271 -5.84 4.20 0.99
C ASN A 271 -5.05 3.13 0.21
N ASN A 272 -4.80 1.97 0.86
CA ASN A 272 -4.12 0.75 0.30
C ASN A 272 -2.59 0.89 0.22
N ILE A 273 -2.01 2.06 0.49
CA ILE A 273 -0.53 2.25 0.53
C ILE A 273 0.02 1.75 1.87
N PRO A 274 1.07 0.90 1.86
CA PRO A 274 1.66 0.41 3.10
C PRO A 274 2.45 1.51 3.83
N GLN A 275 2.33 1.54 5.16
CA GLN A 275 3.21 2.37 6.01
C GLN A 275 4.19 1.45 6.77
N ARG A 276 5.37 1.22 6.20
CA ARG A 276 6.41 0.37 6.81
C ARG A 276 6.87 0.97 8.13
N ASP A 277 6.71 2.28 8.35
CA ASP A 277 7.17 2.96 9.60
C ASP A 277 5.94 3.46 10.37
N GLY A 278 4.77 2.90 10.06
CA GLY A 278 3.55 3.10 10.86
C GLY A 278 3.05 4.53 10.81
N GLY A 279 2.83 5.12 11.99
CA GLY A 279 2.27 6.46 12.15
C GLY A 279 1.05 6.49 13.03
N THR A 280 0.12 7.42 12.77
CA THR A 280 -1.00 7.76 13.67
C THR A 280 -1.98 6.59 13.77
N HIS A 281 -2.13 5.80 12.72
CA HIS A 281 -3.03 4.61 12.73
C HIS A 281 -2.44 3.54 13.65
N LEU A 282 -1.16 3.22 13.49
CA LEU A 282 -0.46 2.28 14.40
C LEU A 282 -0.49 2.83 15.83
N ALA A 283 -0.26 4.13 16.02
CA ALA A 283 -0.20 4.75 17.36
C ALA A 283 -1.56 4.63 18.05
N GLY A 284 -2.66 4.87 17.33
CA GLY A 284 -4.03 4.71 17.82
C GLY A 284 -4.35 3.26 18.16
N PHE A 285 -4.02 2.34 17.25
CA PHE A 285 -4.14 0.87 17.43
C PHE A 285 -3.45 0.44 18.74
N ARG A 286 -2.21 0.87 18.94
CA ARG A 286 -1.37 0.51 20.11
C ARG A 286 -1.97 1.07 21.41
N ALA A 287 -2.38 2.33 21.41
CA ALA A 287 -2.94 2.97 22.61
C ALA A 287 -4.20 2.18 23.01
N ALA A 288 -5.09 1.92 22.06
CA ALA A 288 -6.36 1.22 22.32
C ALA A 288 -6.11 -0.22 22.81
N MET A 289 -5.26 -0.95 22.11
CA MET A 289 -4.93 -2.34 22.50
C MET A 289 -4.45 -2.34 23.95
N THR A 290 -3.57 -1.42 24.36
CA THR A 290 -3.02 -1.39 25.73
C THR A 290 -4.11 -1.02 26.73
N ARG A 291 -4.95 -0.04 26.41
CA ARG A 291 -5.99 0.47 27.33
C ARG A 291 -7.01 -0.66 27.55
N THR A 292 -7.37 -1.34 26.45
CA THR A 292 -8.45 -2.35 26.44
C THR A 292 -8.00 -3.59 27.17
N LEU A 293 -6.82 -4.10 26.84
CA LEU A 293 -6.27 -5.30 27.51
C LEU A 293 -6.06 -5.04 29.01
N ASN A 294 -5.55 -3.86 29.36
CA ASN A 294 -5.31 -3.47 30.76
C ASN A 294 -6.65 -3.36 31.49
N ALA A 295 -7.64 -2.70 30.88
CA ALA A 295 -8.99 -2.57 31.47
C ALA A 295 -9.58 -3.96 31.69
N TYR A 296 -9.47 -4.87 30.71
CA TYR A 296 -10.06 -6.23 30.76
C TYR A 296 -9.39 -7.05 31.88
N MET A 297 -8.06 -7.09 31.87
CA MET A 297 -7.26 -7.79 32.90
C MET A 297 -7.60 -7.25 34.30
N ASP A 298 -7.73 -5.93 34.45
CA ASP A 298 -8.07 -5.33 35.76
C ASP A 298 -9.45 -5.82 36.20
N LYS A 299 -10.44 -5.73 35.32
CA LYS A 299 -11.84 -6.08 35.63
C LYS A 299 -11.93 -7.58 35.96
N GLU A 300 -11.23 -8.44 35.23
CA GLU A 300 -11.31 -9.91 35.40
C GLU A 300 -10.41 -10.38 36.55
N GLY A 301 -9.66 -9.47 37.17
CA GLY A 301 -8.84 -9.75 38.36
C GLY A 301 -7.48 -10.32 37.99
N TYR A 302 -7.21 -10.52 36.70
CA TYR A 302 -5.95 -11.11 36.15
C TYR A 302 -4.82 -10.11 36.21
N SER A 303 -5.15 -8.89 36.64
CA SER A 303 -4.31 -7.68 36.57
C SER A 303 -3.05 -7.89 37.39
N LYS A 304 -3.05 -8.79 38.36
CA LYS A 304 -1.94 -8.84 39.32
C LYS A 304 -0.63 -8.91 38.54
N LYS A 305 -0.49 -9.87 37.61
CA LYS A 305 0.72 -9.96 36.76
C LYS A 305 0.81 -8.71 35.85
N ALA A 306 -0.26 -8.37 35.14
CA ALA A 306 -0.29 -7.23 34.20
C ALA A 306 0.07 -5.95 34.96
N LYS A 307 -0.55 -5.75 36.12
CA LYS A 307 -0.31 -4.57 37.00
C LYS A 307 1.17 -4.56 37.40
N VAL A 308 1.70 -5.71 37.85
CA VAL A 308 3.10 -5.72 38.38
C VAL A 308 4.10 -5.63 37.20
N SER A 309 3.92 -6.35 36.09
CA SER A 309 5.00 -6.47 35.07
C SER A 309 4.51 -6.32 33.62
N ALA A 310 3.51 -7.10 33.17
CA ALA A 310 3.10 -7.21 31.75
C ALA A 310 2.93 -5.82 31.10
N THR A 311 3.61 -5.59 29.98
CA THR A 311 3.67 -4.26 29.31
C THR A 311 3.30 -4.37 27.83
N GLY A 312 3.00 -3.22 27.22
CA GLY A 312 2.66 -3.06 25.79
C GLY A 312 3.39 -4.04 24.89
N ASP A 313 4.72 -4.12 24.99
CA ASP A 313 5.58 -5.03 24.17
C ASP A 313 5.04 -6.46 24.24
N ASP A 314 4.67 -6.94 25.44
CA ASP A 314 4.30 -8.37 25.66
C ASP A 314 2.87 -8.63 25.15
N ALA A 315 1.97 -7.63 25.12
CA ALA A 315 0.69 -7.70 24.37
C ALA A 315 0.96 -8.11 22.91
N ARG A 316 1.87 -7.39 22.24
CA ARG A 316 2.20 -7.53 20.80
C ARG A 316 3.03 -8.79 20.47
N GLU A 317 3.60 -9.51 21.42
CA GLU A 317 4.35 -10.75 21.09
C GLU A 317 3.36 -11.78 20.49
N GLY A 318 3.67 -12.37 19.32
CA GLY A 318 2.79 -13.34 18.66
C GLY A 318 1.57 -12.68 18.00
N LEU A 319 1.53 -11.35 17.91
CA LEU A 319 0.39 -10.63 17.30
C LEU A 319 0.61 -10.52 15.80
N ILE A 320 -0.44 -10.85 15.05
CA ILE A 320 -0.61 -10.50 13.62
C ILE A 320 -1.81 -9.58 13.52
N ALA A 321 -1.68 -8.48 12.81
CA ALA A 321 -2.82 -7.56 12.63
C ALA A 321 -2.67 -6.78 11.34
N VAL A 322 -3.83 -6.39 10.82
CA VAL A 322 -3.94 -5.51 9.65
C VAL A 322 -4.81 -4.32 10.04
N VAL A 323 -4.26 -3.13 9.87
CA VAL A 323 -4.91 -1.83 10.18
C VAL A 323 -4.95 -1.10 8.85
N SER A 324 -6.15 -0.91 8.32
CA SER A 324 -6.34 -0.32 6.98
C SER A 324 -7.32 0.84 7.14
N VAL A 325 -6.84 2.05 6.82
CA VAL A 325 -7.61 3.30 7.04
C VAL A 325 -7.85 3.92 5.68
N LYS A 326 -8.97 4.65 5.56
CA LYS A 326 -9.39 5.38 4.35
C LYS A 326 -9.55 6.83 4.75
N VAL A 327 -8.75 7.72 4.15
CA VAL A 327 -8.53 9.11 4.63
C VAL A 327 -8.66 9.99 3.41
N PRO A 328 -9.59 10.96 3.39
CA PRO A 328 -9.76 11.84 2.23
C PRO A 328 -8.49 12.61 1.83
N ASP A 329 -7.73 13.12 2.79
CA ASP A 329 -6.54 13.94 2.41
C ASP A 329 -5.37 13.57 3.32
N PRO A 330 -4.79 12.37 3.16
CA PRO A 330 -3.74 11.92 4.08
C PRO A 330 -2.47 12.77 4.02
N LYS A 331 -1.73 12.80 5.10
CA LYS A 331 -0.40 13.44 5.15
C LYS A 331 0.61 12.38 5.58
N PHE A 332 1.75 12.29 4.89
CA PHE A 332 2.83 11.34 5.27
C PHE A 332 4.04 12.14 5.72
N SER A 333 5.00 11.47 6.35
CA SER A 333 6.24 12.09 6.88
C SER A 333 7.26 12.32 5.75
N SER A 334 7.04 11.76 4.56
CA SER A 334 8.00 11.77 3.42
C SER A 334 7.30 11.42 2.10
N GLN A 335 8.00 11.59 0.98
CA GLN A 335 7.54 11.14 -0.35
C GLN A 335 7.24 9.62 -0.39
N THR A 336 7.89 8.80 0.45
CA THR A 336 7.78 7.31 0.39
C THR A 336 6.42 6.85 0.95
N LYS A 337 5.71 7.72 1.67
CA LYS A 337 4.39 7.40 2.27
C LYS A 337 4.51 6.25 3.27
N ASP A 338 5.68 6.04 3.90
CA ASP A 338 5.91 4.93 4.87
C ASP A 338 5.46 5.30 6.29
N LYS A 339 5.14 6.55 6.59
CA LYS A 339 4.63 6.90 7.93
C LYS A 339 3.46 7.89 7.79
N LEU A 340 2.33 7.57 8.40
CA LEU A 340 1.11 8.41 8.33
C LEU A 340 1.20 9.46 9.42
N VAL A 341 1.00 10.73 9.06
CA VAL A 341 1.13 11.93 9.94
C VAL A 341 -0.25 12.43 10.35
N SER A 342 -1.26 12.32 9.48
CA SER A 342 -2.64 12.82 9.75
C SER A 342 -3.06 12.52 11.20
N SER A 343 -3.15 13.54 12.03
CA SER A 343 -3.25 13.37 13.51
C SER A 343 -4.65 12.87 13.88
N GLU A 344 -5.68 13.26 13.10
CA GLU A 344 -7.11 12.92 13.34
C GLU A 344 -7.32 11.41 13.21
N VAL A 345 -6.42 10.72 12.49
CA VAL A 345 -6.50 9.25 12.27
C VAL A 345 -6.22 8.52 13.58
N LYS A 346 -5.39 9.08 14.46
CA LYS A 346 -5.04 8.35 15.71
C LYS A 346 -6.30 8.16 16.58
N SER A 347 -7.09 9.21 16.84
CA SER A 347 -8.32 9.06 17.68
C SER A 347 -9.39 8.26 16.92
N ALA A 348 -9.44 8.36 15.58
CA ALA A 348 -10.36 7.57 14.71
C ALA A 348 -10.12 6.08 14.95
N VAL A 349 -8.87 5.63 14.88
CA VAL A 349 -8.54 4.19 15.12
C VAL A 349 -8.74 3.88 16.61
N GLU A 350 -8.24 4.74 17.49
CA GLU A 350 -8.21 4.50 18.95
C GLU A 350 -9.63 4.31 19.51
N GLN A 351 -10.60 5.17 19.18
CA GLN A 351 -11.97 5.12 19.79
C GLN A 351 -12.69 3.87 19.29
N GLN A 352 -12.52 3.52 18.01
CA GLN A 352 -13.17 2.34 17.41
C GLN A 352 -12.61 1.07 18.06
N MET A 353 -11.30 0.94 18.13
CA MET A 353 -10.63 -0.24 18.74
C MET A 353 -11.03 -0.37 20.20
N ASN A 354 -11.02 0.73 20.95
CA ASN A 354 -11.39 0.73 22.38
C ASN A 354 -12.78 0.08 22.53
N GLU A 355 -13.75 0.54 21.76
CA GLU A 355 -15.16 0.11 21.88
C GLU A 355 -15.28 -1.34 21.40
N LEU A 356 -14.75 -1.63 20.21
CA LEU A 356 -15.02 -2.91 19.52
C LEU A 356 -14.14 -4.03 20.08
N LEU A 357 -12.91 -3.75 20.50
CA LEU A 357 -12.04 -4.78 21.12
C LEU A 357 -12.59 -5.15 22.50
N SER A 358 -13.12 -4.18 23.25
CA SER A 358 -13.80 -4.41 24.55
C SER A 358 -14.98 -5.38 24.35
N GLU A 359 -15.83 -5.09 23.37
CA GLU A 359 -17.00 -5.93 22.99
C GLU A 359 -16.51 -7.34 22.65
N TYR A 360 -15.49 -7.44 21.80
CA TYR A 360 -14.90 -8.72 21.34
C TYR A 360 -14.50 -9.56 22.56
N LEU A 361 -13.81 -8.97 23.52
CA LEU A 361 -13.31 -9.73 24.69
C LEU A 361 -14.50 -10.18 25.54
N LEU A 362 -15.55 -9.36 25.68
CA LEU A 362 -16.79 -9.78 26.41
C LEU A 362 -17.51 -10.90 25.63
N GLU A 363 -17.55 -10.81 24.30
CA GLU A 363 -18.34 -11.75 23.46
C GLU A 363 -17.55 -13.06 23.20
N ASN A 364 -16.24 -13.11 23.49
CA ASN A 364 -15.44 -14.33 23.18
C ASN A 364 -14.52 -14.64 24.36
N PRO A 365 -15.10 -15.00 25.52
CA PRO A 365 -14.34 -15.13 26.75
C PRO A 365 -13.26 -16.22 26.68
N SER A 366 -13.45 -17.22 25.85
CA SER A 366 -12.43 -18.29 25.65
C SER A 366 -11.20 -17.66 24.98
N ASP A 367 -11.41 -16.90 23.91
CA ASP A 367 -10.32 -16.20 23.20
C ASP A 367 -9.65 -15.27 24.21
N ALA A 368 -10.45 -14.50 24.93
CA ALA A 368 -9.94 -13.49 25.86
C ALA A 368 -9.04 -14.18 26.91
N LYS A 369 -9.41 -15.33 27.43
CA LYS A 369 -8.60 -15.98 28.49
C LYS A 369 -7.26 -16.47 27.88
N ILE A 370 -7.30 -16.94 26.65
CA ILE A 370 -6.10 -17.41 25.90
C ILE A 370 -5.19 -16.21 25.67
N VAL A 371 -5.73 -15.07 25.23
CA VAL A 371 -4.88 -13.90 24.93
C VAL A 371 -4.22 -13.43 26.24
N VAL A 372 -4.96 -13.40 27.35
CA VAL A 372 -4.37 -12.99 28.66
C VAL A 372 -3.24 -13.97 29.04
N GLY A 373 -3.49 -15.28 28.89
CA GLY A 373 -2.47 -16.32 29.12
C GLY A 373 -1.21 -15.96 28.34
N LYS A 374 -1.36 -15.63 27.05
CA LYS A 374 -0.27 -15.31 26.09
C LYS A 374 0.52 -14.13 26.65
N ILE A 375 -0.18 -13.08 27.07
CA ILE A 375 0.44 -11.83 27.58
C ILE A 375 1.32 -12.12 28.80
N ILE A 376 0.78 -12.87 29.76
CA ILE A 376 1.47 -13.34 30.99
C ILE A 376 2.70 -14.20 30.62
N ASP A 377 2.53 -15.19 29.75
CA ASP A 377 3.64 -16.06 29.32
C ASP A 377 4.76 -15.22 28.71
N ALA A 378 4.45 -14.18 27.93
CA ALA A 378 5.46 -13.33 27.24
C ALA A 378 6.24 -12.51 28.29
N ALA A 379 5.55 -12.03 29.33
CA ALA A 379 6.20 -11.32 30.45
C ALA A 379 7.18 -12.27 31.16
N ARG A 380 6.74 -13.50 31.46
CA ARG A 380 7.55 -14.50 32.20
C ARG A 380 8.82 -14.82 31.40
N ALA A 381 8.69 -15.05 30.09
CA ALA A 381 9.85 -15.32 29.21
C ALA A 381 10.81 -14.12 29.20
N ARG A 382 10.27 -12.91 29.10
CA ARG A 382 11.03 -11.63 29.05
C ARG A 382 11.85 -11.52 30.35
N GLU A 383 11.22 -11.79 31.50
CA GLU A 383 11.84 -11.67 32.85
C GLU A 383 12.87 -12.80 33.04
N ALA A 384 12.56 -14.04 32.63
CA ALA A 384 13.55 -15.14 32.67
C ALA A 384 14.80 -14.72 31.87
N ALA A 385 14.63 -14.06 30.72
CA ALA A 385 15.74 -13.76 29.77
C ALA A 385 16.62 -12.67 30.37
N ARG A 386 16.00 -11.62 30.91
CA ARG A 386 16.69 -10.49 31.59
C ARG A 386 17.54 -11.04 32.74
N ARG A 387 16.93 -11.89 33.56
CA ARG A 387 17.56 -12.55 34.73
C ARG A 387 18.79 -13.33 34.27
N ALA A 388 18.67 -14.09 33.17
CA ALA A 388 19.71 -15.00 32.67
C ALA A 388 20.89 -14.20 32.10
N ARG A 389 20.62 -13.08 31.42
CA ARG A 389 21.67 -12.16 30.92
C ARG A 389 22.44 -11.59 32.11
N GLU A 390 21.76 -11.16 33.16
CA GLU A 390 22.40 -10.61 34.38
C GLU A 390 23.35 -11.65 34.99
N MET A 391 22.92 -12.90 35.08
CA MET A 391 23.67 -13.99 35.76
C MET A 391 24.96 -14.32 35.00
N THR A 392 25.03 -14.14 33.67
CA THR A 392 26.30 -14.25 32.90
C THR A 392 27.18 -13.03 33.18
N ARG A 393 26.55 -11.91 33.57
CA ARG A 393 27.09 -10.59 34.07
C ARG A 393 27.33 -9.66 32.89
#